data_8QUL
#
_entry.id   8QUL
#
_cell.length_a   90.650
_cell.length_b   90.650
_cell.length_c   56.680
_cell.angle_alpha   90.00
_cell.angle_beta   90.00
_cell.angle_gamma   120.00
#
_symmetry.space_group_name_H-M   'P 6'
#
loop_
_entity.id
_entity.type
_entity.pdbx_description
1 polymer 'Spacer peptide 1'
2 non-polymer 3-(BENZYLOXY)PYRIDIN-2-AMINE
3 water water
#
_entity_poly.entity_id   1
_entity_poly.type   'polypeptide(L)'
_entity_poly.pdbx_seq_one_letter_code
;PIVQNLQGQMVHQCISPRTLNAWVKVVEEKAFSPEVIPMFSALSCGATPQDLNTMLNTVGGHQAAMQMLKETINEEAAEW
DRLHPVHAGPIAPGQMREPRGSDIAGTTSTLQEQIGWMTHNPPIPVGEIYKRWIILGLNKIVRMYSPTSILDIRQGPKEP
FRDYVDRFYKTLRAEQASQEVKNAATETLLVQNANPDCKTILKALGPGATLEEMMTACQGVGGPGHKARVL
;
_entity_poly.pdbx_strand_id   A
#
loop_
_chem_comp.id
_chem_comp.type
_chem_comp.name
_chem_comp.formula
3IP non-polymer 3-(BENZYLOXY)PYRIDIN-2-AMINE 'C12 H12 N2 O'
#
# COMPACT_ATOMS: atom_id res chain seq x y z
N PRO A 1 7.35 17.08 -5.19
CA PRO A 1 5.94 16.85 -5.65
C PRO A 1 5.49 17.98 -6.54
N ILE A 2 4.36 17.80 -7.15
CA ILE A 2 3.71 18.90 -7.91
C ILE A 2 2.55 19.42 -7.01
N VAL A 3 2.60 20.71 -6.74
CA VAL A 3 1.61 21.44 -5.88
C VAL A 3 1.02 22.59 -6.65
N GLN A 4 -0.15 22.99 -6.20
CA GLN A 4 -0.68 24.27 -6.58
C GLN A 4 -0.13 25.21 -5.55
N ASN A 5 0.25 26.26 -6.05
CA ASN A 5 0.88 27.24 -5.20
C ASN A 5 -0.29 28.07 -4.50
N LEU A 6 0.02 29.27 -4.04
CA LEU A 6 -1.00 30.16 -3.46
C LEU A 6 -1.94 30.85 -4.49
N GLN A 7 -1.61 30.76 -5.80
CA GLN A 7 -2.35 31.37 -6.93
C GLN A 7 -2.91 30.34 -7.97
N GLY A 8 -3.04 29.08 -7.59
CA GLY A 8 -3.59 28.07 -8.54
C GLY A 8 -2.87 27.56 -9.82
N GLN A 9 -1.53 27.61 -9.92
CA GLN A 9 -0.84 26.90 -11.05
C GLN A 9 -0.01 25.69 -10.42
N MET A 10 0.14 24.60 -11.16
CA MET A 10 0.81 23.39 -10.66
C MET A 10 2.29 23.52 -10.93
N VAL A 11 3.09 23.46 -9.86
CA VAL A 11 4.48 23.68 -9.98
C VAL A 11 5.18 22.59 -9.15
N HIS A 12 6.44 22.42 -9.48
CA HIS A 12 7.27 21.51 -8.75
C HIS A 12 7.74 22.15 -7.49
N GLN A 13 7.76 21.36 -6.41
CA GLN A 13 8.31 21.76 -5.14
C GLN A 13 9.26 20.64 -4.70
N CYS A 14 10.37 21.00 -4.08
CA CYS A 14 11.26 19.97 -3.52
C CYS A 14 10.55 19.14 -2.45
N ILE A 15 10.91 17.84 -2.37
CA ILE A 15 10.50 17.03 -1.27
C ILE A 15 11.09 17.57 0.02
N SER A 16 10.30 17.64 1.09
CA SER A 16 10.73 18.35 2.30
C SER A 16 11.52 17.38 3.15
N PRO A 17 12.42 17.91 3.97
CA PRO A 17 13.11 17.12 4.97
C PRO A 17 12.14 16.37 5.88
N ARG A 18 11.08 17.03 6.25
CA ARG A 18 10.15 16.39 7.17
C ARG A 18 9.54 15.14 6.50
N THR A 19 9.11 15.25 5.26
CA THR A 19 8.55 14.05 4.52
C THR A 19 9.61 12.93 4.37
N LEU A 20 10.86 13.33 4.06
CA LEU A 20 11.90 12.34 3.86
C LEU A 20 12.18 11.58 5.17
N ASN A 21 12.19 12.30 6.29
CA ASN A 21 12.50 11.70 7.54
C ASN A 21 11.32 10.86 8.03
N ALA A 22 10.13 11.35 7.80
CA ALA A 22 8.90 10.62 8.22
C ALA A 22 8.87 9.20 7.57
N TRP A 23 9.17 9.12 6.31
CA TRP A 23 9.16 7.84 5.61
C TRP A 23 10.26 6.91 6.11
N VAL A 24 11.49 7.44 6.21
CA VAL A 24 12.56 6.61 6.70
C VAL A 24 12.27 6.09 8.07
N LYS A 25 11.71 6.89 8.96
CA LYS A 25 11.42 6.50 10.35
C LYS A 25 10.23 5.57 10.42
N VAL A 26 9.25 5.73 9.59
CA VAL A 26 8.18 4.66 9.61
C VAL A 26 8.63 3.31 9.15
N VAL A 27 9.50 3.22 8.13
CA VAL A 27 10.06 1.93 7.73
C VAL A 27 10.95 1.40 8.84
N GLU A 28 11.71 2.26 9.49
CA GLU A 28 12.58 1.81 10.57
C GLU A 28 11.79 1.21 11.73
N GLU A 29 10.70 1.83 12.07
CA GLU A 29 9.93 1.48 13.26
C GLU A 29 8.93 0.38 12.95
N LYS A 30 8.34 0.32 11.77
CA LYS A 30 7.17 -0.59 11.49
C LYS A 30 7.44 -1.66 10.47
N ALA A 31 8.59 -1.54 9.77
CA ALA A 31 8.94 -2.47 8.69
C ALA A 31 7.80 -2.56 7.74
N PHE A 32 7.28 -3.79 7.47
CA PHE A 32 6.20 -3.87 6.50
C PHE A 32 4.91 -4.38 7.14
N SER A 33 4.65 -3.84 8.34
CA SER A 33 3.33 -3.92 8.90
C SER A 33 2.36 -3.24 7.90
N PRO A 34 1.08 -3.75 7.77
CA PRO A 34 0.25 -3.24 6.72
C PRO A 34 0.00 -1.75 6.69
N GLU A 35 0.00 -1.15 7.85
CA GLU A 35 -0.34 0.29 7.99
C GLU A 35 0.83 1.17 7.42
N VAL A 36 1.93 0.58 7.03
CA VAL A 36 3.07 1.35 6.38
C VAL A 36 2.61 1.80 5.03
N ILE A 37 1.77 1.01 4.34
CA ILE A 37 1.33 1.35 3.01
C ILE A 37 0.49 2.57 2.83
N PRO A 38 -0.59 2.72 3.60
CA PRO A 38 -1.29 4.02 3.59
C PRO A 38 -0.42 5.20 4.01
N MET A 39 0.52 4.96 4.90
CA MET A 39 1.49 6.02 5.27
C MET A 39 2.34 6.41 4.03
N PHE A 40 2.81 5.43 3.28
CA PHE A 40 3.63 5.69 2.11
C PHE A 40 2.79 6.49 1.13
N SER A 41 1.53 6.06 0.93
CA SER A 41 0.69 6.77 0.01
C SER A 41 0.48 8.22 0.37
N ALA A 42 0.23 8.45 1.62
CA ALA A 42 0.00 9.82 2.12
C ALA A 42 1.24 10.70 2.04
N LEU A 43 2.38 10.11 2.41
CA LEU A 43 3.63 10.86 2.39
C LEU A 43 4.08 11.20 0.98
N SER A 44 3.64 10.39 0.05
CA SER A 44 3.92 10.62 -1.40
C SER A 44 2.85 11.33 -2.16
N CYS A 45 1.95 12.03 -1.50
CA CYS A 45 0.95 12.84 -2.13
C CYS A 45 1.56 13.86 -3.09
N GLY A 46 1.19 13.80 -4.35
CA GLY A 46 1.67 14.75 -5.35
C GLY A 46 3.01 14.35 -5.97
N ALA A 47 3.55 13.21 -5.54
CA ALA A 47 4.91 12.85 -5.94
C ALA A 47 5.09 12.69 -7.43
N THR A 48 6.25 13.14 -7.90
CA THR A 48 6.81 12.69 -9.20
C THR A 48 7.39 11.30 -9.08
N PRO A 49 7.66 10.65 -10.24
CA PRO A 49 8.40 9.40 -10.20
C PRO A 49 9.76 9.57 -9.56
N GLN A 50 10.42 10.70 -9.81
CA GLN A 50 11.68 11.05 -9.05
C GLN A 50 11.51 11.03 -7.58
N ASP A 51 10.44 11.61 -7.10
CA ASP A 51 10.20 11.60 -5.66
C ASP A 51 9.94 10.22 -5.10
N LEU A 52 9.13 9.43 -5.85
CA LEU A 52 8.91 8.09 -5.39
C LEU A 52 10.19 7.28 -5.29
N ASN A 53 11.05 7.39 -6.31
CA ASN A 53 12.38 6.72 -6.25
C ASN A 53 13.18 7.22 -5.10
N THR A 54 13.14 8.53 -4.85
CA THR A 54 13.86 9.08 -3.66
C THR A 54 13.43 8.41 -2.39
N MET A 55 12.09 8.28 -2.21
CA MET A 55 11.60 7.70 -1.02
C MET A 55 12.05 6.24 -0.90
N LEU A 56 11.93 5.48 -1.97
CA LEU A 56 12.30 4.09 -1.92
C LEU A 56 13.84 3.93 -1.74
N ASN A 57 14.62 4.76 -2.40
CA ASN A 57 16.08 4.66 -2.32
C ASN A 57 16.63 5.10 -0.99
N THR A 58 15.86 5.90 -0.17
CA THR A 58 16.36 6.34 1.10
C THR A 58 16.27 5.25 2.13
N VAL A 59 15.57 4.13 1.84
CA VAL A 59 15.46 3.02 2.76
C VAL A 59 16.80 2.32 2.77
N GLY A 60 17.30 2.12 3.97
CA GLY A 60 18.60 1.47 4.11
C GLY A 60 18.50 -0.07 4.34
N GLY A 61 17.56 -0.50 5.05
CA GLY A 61 17.61 -2.03 5.24
C GLY A 61 16.61 -2.62 4.25
N HIS A 62 16.18 -3.77 4.60
CA HIS A 62 15.08 -4.42 3.84
C HIS A 62 15.37 -4.56 2.41
N GLN A 63 16.63 -4.86 2.02
CA GLN A 63 17.00 -4.88 0.64
C GLN A 63 16.42 -6.10 -0.14
N ALA A 64 16.08 -7.21 0.58
CA ALA A 64 15.38 -8.33 -0.13
C ALA A 64 14.00 -7.79 -0.62
N ALA A 65 13.28 -7.08 0.25
CA ALA A 65 12.01 -6.46 -0.10
C ALA A 65 12.21 -5.49 -1.19
N MET A 66 13.26 -4.64 -1.07
CA MET A 66 13.41 -3.63 -2.18
C MET A 66 13.75 -4.29 -3.56
N GLN A 67 14.45 -5.40 -3.58
CA GLN A 67 14.69 -6.12 -4.82
C GLN A 67 13.38 -6.77 -5.36
N MET A 68 12.57 -7.31 -4.44
CA MET A 68 11.25 -7.83 -4.84
C MET A 68 10.41 -6.71 -5.47
N LEU A 69 10.48 -5.50 -4.88
CA LEU A 69 9.73 -4.42 -5.39
C LEU A 69 10.18 -4.01 -6.77
N LYS A 70 11.49 -4.00 -6.99
CA LYS A 70 12.00 -3.72 -8.30
C LYS A 70 11.48 -4.70 -9.33
N GLU A 71 11.40 -5.96 -8.92
CA GLU A 71 10.85 -6.98 -9.83
C GLU A 71 9.40 -6.73 -10.21
N THR A 72 8.56 -6.35 -9.23
CA THR A 72 7.16 -6.06 -9.48
C THR A 72 7.09 -4.85 -10.38
N ILE A 73 7.88 -3.84 -10.12
CA ILE A 73 7.84 -2.60 -10.95
C ILE A 73 8.19 -2.97 -12.37
N ASN A 74 9.23 -3.81 -12.53
CA ASN A 74 9.63 -4.20 -13.90
C ASN A 74 8.49 -4.99 -14.63
N GLU A 75 7.77 -5.82 -13.90
CA GLU A 75 6.61 -6.53 -14.47
C GLU A 75 5.51 -5.60 -14.92
N GLU A 76 5.22 -4.56 -14.08
CA GLU A 76 4.19 -3.61 -14.45
C GLU A 76 4.66 -2.74 -15.60
N ALA A 77 5.95 -2.39 -15.64
CA ALA A 77 6.49 -1.52 -16.66
C ALA A 77 6.37 -2.31 -18.03
N ALA A 78 6.58 -3.59 -17.93
CA ALA A 78 6.53 -4.45 -19.17
C ALA A 78 5.11 -4.55 -19.68
N GLU A 79 4.11 -4.67 -18.76
CA GLU A 79 2.70 -4.64 -19.10
C GLU A 79 2.25 -3.30 -19.67
N TRP A 80 2.68 -2.20 -19.03
CA TRP A 80 2.51 -0.88 -19.68
C TRP A 80 2.97 -0.87 -21.17
N ASP A 81 4.18 -1.32 -21.42
CA ASP A 81 4.79 -1.21 -22.73
C ASP A 81 3.97 -2.10 -23.73
N ARG A 82 3.39 -3.17 -23.23
CA ARG A 82 2.53 -4.07 -24.07
C ARG A 82 1.29 -3.37 -24.52
N LEU A 83 0.66 -2.66 -23.58
CA LEU A 83 -0.54 -1.90 -23.77
C LEU A 83 -0.35 -0.58 -24.50
N HIS A 84 0.79 0.09 -24.29
CA HIS A 84 1.03 1.43 -24.82
C HIS A 84 2.39 1.56 -25.46
N PRO A 85 2.52 0.93 -26.62
CA PRO A 85 3.79 1.02 -27.33
C PRO A 85 4.06 2.46 -27.84
N VAL A 86 5.33 2.88 -27.81
CA VAL A 86 5.71 4.25 -28.21
C VAL A 86 6.42 4.27 -29.58
N HIS A 87 6.34 5.38 -30.32
CA HIS A 87 7.05 5.51 -31.61
C HIS A 87 8.57 5.47 -31.39
N ALA A 88 9.24 4.63 -32.17
CA ALA A 88 10.70 4.66 -32.21
C ALA A 88 11.08 5.84 -33.10
N GLY A 89 12.29 6.35 -32.89
CA GLY A 89 12.86 7.41 -33.75
C GLY A 89 12.47 8.78 -33.29
N PRO A 90 12.91 9.82 -34.04
CA PRO A 90 13.08 11.13 -33.40
C PRO A 90 11.77 11.84 -33.00
N ILE A 91 11.84 12.54 -31.88
CA ILE A 91 10.65 13.24 -31.38
C ILE A 91 10.52 14.54 -32.21
N ALA A 92 9.29 14.92 -32.43
CA ALA A 92 8.98 16.24 -32.88
C ALA A 92 9.63 17.35 -32.05
N PRO A 93 10.43 18.25 -32.71
CA PRO A 93 11.10 19.37 -31.98
C PRO A 93 10.16 20.11 -31.10
N GLY A 94 10.54 20.17 -29.82
CA GLY A 94 9.80 20.94 -28.83
C GLY A 94 8.57 20.26 -28.28
N GLN A 95 8.23 19.05 -28.77
CA GLN A 95 6.98 18.43 -28.40
C GLN A 95 7.20 17.31 -27.28
N MET A 96 6.15 17.02 -26.58
CA MET A 96 6.13 16.00 -25.48
C MET A 96 6.14 14.61 -26.11
N ARG A 97 7.09 13.75 -25.66
CA ARG A 97 7.19 12.35 -26.16
C ARG A 97 6.27 11.49 -25.27
N GLU A 98 5.88 10.32 -25.73
CA GLU A 98 4.96 9.46 -24.95
C GLU A 98 5.80 8.62 -23.95
N PRO A 99 5.30 8.46 -22.72
CA PRO A 99 6.15 7.71 -21.78
C PRO A 99 6.10 6.20 -21.95
N ARG A 100 7.25 5.57 -21.76
CA ARG A 100 7.42 4.14 -21.71
C ARG A 100 7.37 3.74 -20.23
N GLY A 101 7.32 2.45 -19.99
CA GLY A 101 7.27 1.93 -18.61
C GLY A 101 8.41 2.47 -17.78
N SER A 102 9.63 2.40 -18.28
CA SER A 102 10.78 2.91 -17.55
C SER A 102 10.78 4.44 -17.34
N ASP A 103 10.05 5.18 -18.19
CA ASP A 103 9.86 6.62 -17.99
C ASP A 103 8.86 6.87 -16.82
N ILE A 104 7.81 6.06 -16.70
CA ILE A 104 6.87 6.13 -15.63
C ILE A 104 7.59 5.81 -14.35
N ALA A 105 8.48 4.87 -14.41
CA ALA A 105 9.23 4.44 -13.18
C ALA A 105 10.40 5.38 -12.84
N GLY A 106 10.62 6.40 -13.66
CA GLY A 106 11.62 7.40 -13.38
C GLY A 106 13.07 7.08 -13.69
N THR A 107 13.31 5.97 -14.33
CA THR A 107 14.68 5.50 -14.61
C THR A 107 15.23 5.98 -15.94
N THR A 108 14.35 6.30 -16.89
CA THR A 108 14.71 6.84 -18.19
C THR A 108 14.11 8.11 -18.53
N SER A 109 13.44 8.75 -17.58
CA SER A 109 12.82 10.07 -17.82
C SER A 109 13.49 11.12 -16.92
N THR A 110 13.56 12.38 -17.37
CA THR A 110 14.08 13.48 -16.54
C THR A 110 12.93 14.02 -15.70
N LEU A 111 13.31 14.76 -14.68
CA LEU A 111 12.35 15.49 -13.90
C LEU A 111 11.50 16.43 -14.76
N GLN A 112 12.16 17.17 -15.64
CA GLN A 112 11.43 17.98 -16.56
C GLN A 112 10.42 17.25 -17.37
N GLU A 113 10.77 16.11 -17.93
CA GLU A 113 9.80 15.32 -18.64
C GLU A 113 8.62 14.99 -17.77
N GLN A 114 8.92 14.43 -16.58
CA GLN A 114 7.87 14.11 -15.62
C GLN A 114 6.90 15.27 -15.32
N ILE A 115 7.47 16.40 -15.05
CA ILE A 115 6.69 17.62 -14.83
C ILE A 115 5.79 17.93 -16.03
N GLY A 116 6.40 17.82 -17.17
CA GLY A 116 5.65 18.03 -18.40
C GLY A 116 4.45 17.15 -18.54
N TRP A 117 4.61 15.84 -18.26
CA TRP A 117 3.50 14.92 -18.37
C TRP A 117 2.47 15.26 -17.31
N MET A 118 2.91 15.42 -16.04
CA MET A 118 1.99 15.57 -14.94
C MET A 118 1.16 16.88 -15.02
N THR A 119 1.66 17.84 -15.73
CA THR A 119 1.04 19.22 -15.86
C THR A 119 0.49 19.51 -17.23
N HIS A 120 0.59 18.56 -18.13
CA HIS A 120 -0.15 18.58 -19.41
C HIS A 120 -1.64 18.71 -19.21
N ASN A 121 -2.31 19.30 -20.20
CA ASN A 121 -3.77 19.39 -20.18
C ASN A 121 -4.29 18.45 -21.29
N PRO A 122 -4.90 17.30 -20.95
CA PRO A 122 -5.04 16.76 -19.60
C PRO A 122 -3.75 16.02 -19.11
N PRO A 123 -3.61 15.82 -17.81
CA PRO A 123 -2.34 15.24 -17.32
C PRO A 123 -2.18 13.81 -17.75
N ILE A 124 -0.93 13.41 -17.99
CA ILE A 124 -0.53 12.02 -18.09
C ILE A 124 0.06 11.76 -16.71
N PRO A 125 -0.69 11.10 -15.84
CA PRO A 125 -0.42 11.09 -14.43
C PRO A 125 0.66 10.06 -14.06
N VAL A 126 1.89 10.32 -14.50
CA VAL A 126 2.99 9.32 -14.35
C VAL A 126 3.27 9.03 -12.90
N GLY A 127 3.18 10.05 -12.03
CA GLY A 127 3.40 9.79 -10.60
C GLY A 127 2.33 8.87 -10.02
N GLU A 128 1.07 9.05 -10.40
CA GLU A 128 -0.05 8.16 -9.83
C GLU A 128 0.07 6.75 -10.45
N ILE A 129 0.44 6.67 -11.73
CA ILE A 129 0.58 5.33 -12.39
C ILE A 129 1.66 4.58 -11.70
N TYR A 130 2.82 5.25 -11.49
CA TYR A 130 3.89 4.57 -10.78
C TYR A 130 3.64 4.23 -9.38
N LYS A 131 2.95 5.14 -8.67
CA LYS A 131 2.60 4.88 -7.28
C LYS A 131 1.72 3.61 -7.12
N ARG A 132 0.82 3.44 -8.08
CA ARG A 132 0.02 2.16 -8.10
C ARG A 132 0.86 0.92 -8.27
N TRP A 133 1.89 0.96 -9.14
CA TRP A 133 2.82 -0.19 -9.32
C TRP A 133 3.50 -0.44 -8.00
N ILE A 134 3.99 0.67 -7.38
CA ILE A 134 4.72 0.53 -6.12
C ILE A 134 3.87 -0.12 -5.05
N ILE A 135 2.68 0.34 -4.92
CA ILE A 135 1.79 -0.15 -3.89
C ILE A 135 1.40 -1.61 -4.14
N LEU A 136 1.24 -1.97 -5.41
CA LEU A 136 1.05 -3.44 -5.79
C LEU A 136 2.20 -4.19 -5.24
N GLY A 137 3.45 -3.67 -5.44
CA GLY A 137 4.61 -4.38 -4.88
C GLY A 137 4.72 -4.44 -3.42
N LEU A 138 4.43 -3.30 -2.79
CA LEU A 138 4.48 -3.26 -1.36
C LEU A 138 3.43 -4.22 -0.70
N ASN A 139 2.27 -4.28 -1.30
CA ASN A 139 1.23 -5.25 -0.76
C ASN A 139 1.74 -6.70 -0.81
N LYS A 140 2.50 -7.07 -1.86
CA LYS A 140 3.08 -8.39 -1.89
C LYS A 140 4.04 -8.62 -0.82
N ILE A 141 4.85 -7.59 -0.48
CA ILE A 141 5.85 -7.64 0.57
C ILE A 141 5.11 -7.79 1.93
N VAL A 142 4.08 -6.98 2.11
CA VAL A 142 3.30 -7.11 3.38
C VAL A 142 2.86 -8.55 3.55
N ARG A 143 2.33 -9.12 2.50
CA ARG A 143 1.83 -10.55 2.59
C ARG A 143 2.96 -11.48 2.87
N MET A 144 4.07 -11.26 2.21
CA MET A 144 5.24 -12.08 2.45
C MET A 144 5.68 -12.03 3.88
N TYR A 145 5.74 -10.83 4.46
CA TYR A 145 6.26 -10.68 5.76
C TYR A 145 5.27 -10.93 6.92
N SER A 146 4.05 -11.15 6.56
CA SER A 146 3.04 -11.56 7.59
C SER A 146 3.50 -12.90 8.22
N PRO A 147 3.67 -12.92 9.51
CA PRO A 147 4.30 -14.05 10.17
C PRO A 147 3.37 -15.19 10.48
N THR A 148 2.07 -14.95 10.49
CA THR A 148 1.09 -15.97 11.08
C THR A 148 -0.14 -16.14 10.24
N SER A 149 -0.50 -17.40 9.97
CA SER A 149 -1.78 -17.71 9.41
C SER A 149 -2.95 -17.34 10.35
N ILE A 150 -4.09 -16.96 9.78
CA ILE A 150 -5.32 -16.79 10.48
C ILE A 150 -5.76 -18.04 11.21
N LEU A 151 -5.38 -19.19 10.70
CA LEU A 151 -5.78 -20.44 11.32
C LEU A 151 -5.16 -20.61 12.63
N ASP A 152 -4.06 -19.87 12.90
CA ASP A 152 -3.32 -20.05 14.13
C ASP A 152 -3.64 -18.98 15.17
N ILE A 153 -4.55 -18.05 14.83
CA ILE A 153 -5.01 -17.08 15.79
C ILE A 153 -6.21 -17.61 16.52
N ARG A 154 -5.97 -18.12 17.72
CA ARG A 154 -7.00 -18.65 18.57
C ARG A 154 -6.95 -18.00 19.93
N GLN A 155 -8.13 -17.75 20.53
CA GLN A 155 -8.24 -17.05 21.77
C GLN A 155 -7.69 -17.95 22.89
N GLY A 156 -6.80 -17.39 23.67
CA GLY A 156 -6.32 -18.14 24.83
C GLY A 156 -7.44 -18.24 25.88
N PRO A 157 -7.31 -19.24 26.76
CA PRO A 157 -8.21 -19.41 27.93
C PRO A 157 -8.39 -18.25 28.87
N LYS A 158 -7.41 -17.38 29.09
CA LYS A 158 -7.54 -16.20 29.92
C LYS A 158 -7.37 -14.90 29.11
N GLU A 159 -7.39 -15.04 27.80
CA GLU A 159 -7.22 -13.89 26.93
C GLU A 159 -8.54 -13.18 26.77
N PRO A 160 -8.55 -11.88 27.07
CA PRO A 160 -9.77 -11.04 26.90
C PRO A 160 -10.19 -11.14 25.45
N PHE A 161 -11.46 -11.29 25.21
CA PHE A 161 -11.97 -11.41 23.81
C PHE A 161 -11.47 -10.24 22.93
N ARG A 162 -11.47 -9.04 23.45
CA ARG A 162 -11.04 -7.91 22.68
C ARG A 162 -9.61 -8.02 22.19
N ASP A 163 -8.72 -8.57 23.04
CA ASP A 163 -7.33 -8.76 22.65
C ASP A 163 -7.21 -9.81 21.59
N TYR A 164 -8.06 -10.86 21.65
CA TYR A 164 -8.07 -11.88 20.61
C TYR A 164 -8.57 -11.29 19.28
N VAL A 165 -9.64 -10.55 19.34
CA VAL A 165 -10.15 -9.95 18.11
C VAL A 165 -9.14 -9.02 17.47
N ASP A 166 -8.42 -8.25 18.30
CA ASP A 166 -7.35 -7.39 17.78
C ASP A 166 -6.30 -8.23 17.04
N ARG A 167 -5.86 -9.35 17.65
CA ARG A 167 -4.89 -10.20 16.97
C ARG A 167 -5.45 -10.72 15.66
N PHE A 168 -6.71 -11.16 15.68
CA PHE A 168 -7.39 -11.75 14.56
C PHE A 168 -7.47 -10.83 13.39
N TYR A 169 -7.95 -9.63 13.57
CA TYR A 169 -8.05 -8.74 12.51
C TYR A 169 -6.72 -8.13 12.08
N LYS A 170 -5.78 -8.00 12.99
CA LYS A 170 -4.37 -7.54 12.59
C LYS A 170 -3.81 -8.59 11.58
N THR A 171 -3.99 -9.86 11.95
CA THR A 171 -3.54 -10.98 11.08
C THR A 171 -4.24 -10.95 9.73
N LEU A 172 -5.56 -10.88 9.70
CA LEU A 172 -6.30 -10.83 8.46
C LEU A 172 -5.89 -9.69 7.60
N ARG A 173 -5.52 -8.56 8.22
CA ARG A 173 -5.09 -7.46 7.42
C ARG A 173 -3.76 -7.73 6.76
N ALA A 174 -2.79 -8.37 7.47
CA ALA A 174 -1.43 -8.59 6.94
C ALA A 174 -1.52 -9.67 5.87
N GLU A 175 -2.44 -10.64 6.12
CA GLU A 175 -2.64 -11.79 5.19
C GLU A 175 -3.38 -11.38 3.93
N GLN A 176 -4.05 -10.27 3.94
CA GLN A 176 -4.64 -9.51 2.83
C GLN A 176 -5.95 -10.06 2.44
N ALA A 177 -6.69 -10.54 3.44
CA ALA A 177 -8.08 -10.99 3.17
C ALA A 177 -8.85 -9.80 2.60
N SER A 178 -9.72 -10.04 1.61
CA SER A 178 -10.72 -9.04 1.15
C SER A 178 -11.65 -8.53 2.27
N GLN A 179 -12.24 -7.36 2.05
CA GLN A 179 -13.22 -6.82 3.01
C GLN A 179 -14.46 -7.74 3.17
N GLU A 180 -14.80 -8.47 2.11
CA GLU A 180 -15.86 -9.49 2.10
C GLU A 180 -15.67 -10.45 3.25
N VAL A 181 -14.46 -11.00 3.25
CA VAL A 181 -14.00 -12.06 4.15
C VAL A 181 -13.86 -11.52 5.59
N LYS A 182 -13.28 -10.33 5.73
CA LYS A 182 -13.25 -9.66 7.08
C LYS A 182 -14.66 -9.39 7.70
N ASN A 183 -15.57 -8.90 6.84
CA ASN A 183 -17.01 -8.75 7.16
C ASN A 183 -17.64 -10.09 7.49
N ALA A 184 -17.45 -11.08 6.61
CA ALA A 184 -17.94 -12.46 6.80
C ALA A 184 -17.42 -13.23 7.99
N ALA A 185 -16.14 -13.00 8.37
CA ALA A 185 -15.42 -13.92 9.32
C ALA A 185 -15.97 -13.91 10.73
N THR A 186 -16.82 -12.93 10.99
CA THR A 186 -17.40 -12.64 12.27
C THR A 186 -18.40 -13.72 12.57
N GLU A 187 -19.03 -14.25 11.52
CA GLU A 187 -19.91 -15.37 11.69
C GLU A 187 -19.20 -16.72 11.63
N THR A 188 -17.91 -16.77 11.24
CA THR A 188 -17.31 -18.03 11.13
C THR A 188 -16.09 -18.28 11.91
N LEU A 189 -14.94 -17.94 11.28
CA LEU A 189 -13.71 -18.35 11.84
C LEU A 189 -13.52 -17.61 13.20
N LEU A 190 -14.01 -16.38 13.28
CA LEU A 190 -13.87 -15.64 14.60
C LEU A 190 -14.45 -16.38 15.76
N VAL A 191 -15.66 -16.98 15.56
CA VAL A 191 -16.28 -17.77 16.59
C VAL A 191 -15.56 -19.06 16.79
N GLN A 192 -15.22 -19.73 15.67
CA GLN A 192 -14.60 -21.03 15.78
C GLN A 192 -13.32 -21.01 16.59
N ASN A 193 -12.56 -19.92 16.40
CA ASN A 193 -11.27 -19.73 17.02
C ASN A 193 -11.29 -19.06 18.46
N ALA A 194 -12.49 -18.81 18.98
CA ALA A 194 -12.72 -18.25 20.27
C ALA A 194 -12.54 -19.36 21.29
N ASN A 195 -12.27 -19.03 22.53
CA ASN A 195 -12.07 -20.05 23.59
C ASN A 195 -13.49 -20.66 23.92
N PRO A 196 -13.51 -21.80 24.67
CA PRO A 196 -14.81 -22.44 24.92
C PRO A 196 -15.89 -21.62 25.55
N ASP A 197 -15.57 -20.84 26.57
CA ASP A 197 -16.51 -20.00 27.30
C ASP A 197 -17.10 -18.92 26.37
N CYS A 198 -16.26 -18.28 25.56
CA CYS A 198 -16.79 -17.25 24.70
CA CYS A 198 -16.73 -17.25 24.65
C CYS A 198 -17.54 -17.89 23.52
N LYS A 199 -17.05 -19.02 23.03
CA LYS A 199 -17.68 -19.75 21.92
C LYS A 199 -19.15 -20.09 22.26
N THR A 200 -19.34 -20.64 23.41
CA THR A 200 -20.69 -20.86 23.92
C THR A 200 -21.58 -19.62 23.95
N ILE A 201 -21.08 -18.50 24.44
CA ILE A 201 -21.82 -17.27 24.47
C ILE A 201 -22.12 -16.82 23.03
N LEU A 202 -21.14 -16.87 22.15
CA LEU A 202 -21.35 -16.36 20.78
C LEU A 202 -22.35 -17.24 20.04
N LYS A 203 -22.23 -18.55 20.20
CA LYS A 203 -23.14 -19.51 19.53
C LYS A 203 -24.59 -19.18 19.90
N ALA A 204 -24.83 -18.85 21.16
CA ALA A 204 -26.21 -18.57 21.61
C ALA A 204 -26.74 -17.26 21.04
N LEU A 205 -25.87 -16.32 20.70
CA LEU A 205 -26.35 -15.00 20.24
C LEU A 205 -27.19 -15.17 19.01
N GLY A 206 -26.84 -16.18 18.20
CA GLY A 206 -27.50 -16.42 16.95
C GLY A 206 -26.72 -15.79 15.81
N PRO A 207 -27.19 -16.02 14.57
CA PRO A 207 -26.52 -15.43 13.43
C PRO A 207 -26.88 -13.95 13.34
N GLY A 208 -26.10 -13.24 12.54
CA GLY A 208 -26.30 -11.83 12.27
C GLY A 208 -25.83 -10.90 13.35
N ALA A 209 -25.10 -11.39 14.37
CA ALA A 209 -24.61 -10.51 15.43
C ALA A 209 -23.55 -9.55 14.84
N THR A 210 -23.57 -8.30 15.21
CA THR A 210 -22.54 -7.36 14.85
C THR A 210 -21.32 -7.69 15.68
N LEU A 211 -20.18 -7.12 15.27
CA LEU A 211 -18.94 -7.35 16.04
C LEU A 211 -19.10 -6.73 17.37
N GLU A 212 -19.70 -5.55 17.43
CA GLU A 212 -19.94 -4.82 18.69
C GLU A 212 -20.73 -5.71 19.69
N GLU A 213 -21.68 -6.41 19.12
CA GLU A 213 -22.61 -7.29 19.91
C GLU A 213 -21.84 -8.46 20.45
N MET A 214 -20.98 -9.02 19.60
CA MET A 214 -20.15 -10.13 20.00
C MET A 214 -19.16 -9.72 21.02
N MET A 215 -18.54 -8.54 20.81
CA MET A 215 -17.60 -8.04 21.81
C MET A 215 -18.24 -7.74 23.16
N THR A 216 -19.45 -7.17 23.12
CA THR A 216 -20.15 -6.90 24.44
C THR A 216 -20.53 -8.20 25.10
N ALA A 217 -20.95 -9.16 24.31
CA ALA A 217 -21.37 -10.43 24.83
C ALA A 217 -20.28 -11.14 25.59
N CYS A 218 -19.04 -11.05 25.08
CA CYS A 218 -17.90 -11.78 25.70
C CYS A 218 -17.02 -10.83 26.58
N GLN A 219 -17.48 -9.66 26.88
CA GLN A 219 -16.69 -8.79 27.79
C GLN A 219 -16.64 -9.38 29.19
N1 3IP B . 15.19 1.01 -3.91
C2 3IP B . 14.18 0.89 -4.93
N3 3IP B . 13.59 -0.18 -4.50
C4 3IP B . 12.60 -0.59 -5.02
C5 3IP B . 12.14 -0.10 -6.18
C6 3IP B . 12.72 0.93 -6.78
C7 3IP B . 13.77 1.53 -6.16
O8 3IP B . 14.31 2.57 -6.97
C9 3IP B . 14.13 2.52 -8.42
C10 3IP B . 14.40 1.29 -9.33
C11 3IP B . 13.31 0.55 -9.90
C12 3IP B . 13.54 -0.54 -10.76
C13 3IP B . 14.86 -0.90 -11.06
C14 3IP B . 15.94 -0.15 -10.54
C15 3IP B . 15.72 0.92 -9.69
#